data_4RFV
#
_entry.id   4RFV
#
_cell.length_a   68.167
_cell.length_b   71.158
_cell.length_c   118.560
_cell.angle_alpha   90.00
_cell.angle_beta   90.00
_cell.angle_gamma   90.00
#
_symmetry.space_group_name_H-M   'C 2 2 21'
#
loop_
_entity.id
_entity.type
_entity.pdbx_description
1 polymer 'Bifunctional enzyme CysN/CysC'
2 non-polymer 'PHOSPHATE ION'
3 water water
#
_entity_poly.entity_id   1
_entity_poly.type   'polypeptide(L)'
_entity_poly.pdbx_seq_one_letter_code
;GSHMSPNTVRHRSLVTAQDRPPRGKTVWFTGLSGSGKSSVAMLVERKLLEKGISAYVLDGDNLRHGLNADLGFSMADRAE
NLRRLSHVATLLADCGHLVLVPAISPLAEHRALARKVHADAGIDFFEVFCDTPLQDSERRDPKGLYAKARAGEITHFTGI
DSPYQRPKNPDLRLTPDRSIDEQAQEVIDLLES
;
_entity_poly.pdbx_strand_id   A,B
#
# COMPACT_ATOMS: atom_id res chain seq x y z
N PRO A 21 -6.97 -0.16 14.73
CA PRO A 21 -6.65 -1.50 14.25
C PRO A 21 -5.14 -1.81 14.38
N PRO A 22 -4.80 -3.09 14.49
CA PRO A 22 -3.42 -3.40 14.83
C PRO A 22 -2.47 -3.04 13.69
N ARG A 23 -1.25 -2.76 14.05
CA ARG A 23 -0.26 -2.37 13.05
C ARG A 23 0.75 -3.49 12.93
N GLY A 24 1.23 -3.64 11.70
CA GLY A 24 2.20 -4.67 11.40
C GLY A 24 3.60 -4.17 11.55
N LYS A 25 4.51 -4.81 10.79
CA LYS A 25 5.94 -4.59 10.90
C LYS A 25 6.52 -5.00 9.56
N THR A 26 7.76 -4.60 9.34
CA THR A 26 8.49 -4.91 8.05
C THR A 26 9.77 -5.63 8.30
N VAL A 27 9.98 -6.70 7.51
CA VAL A 27 11.26 -7.38 7.39
C VAL A 27 11.84 -7.08 6.00
N TRP A 28 12.98 -6.42 5.98
CA TRP A 28 13.64 -6.00 4.76
C TRP A 28 14.82 -6.92 4.50
N PHE A 29 14.79 -7.66 3.40
CA PHE A 29 15.82 -8.60 3.05
C PHE A 29 16.72 -7.92 2.00
N THR A 30 18.01 -7.78 2.29
CA THR A 30 19.00 -7.22 1.40
C THR A 30 20.06 -8.27 1.12
N GLY A 31 20.63 -8.18 -0.07
CA GLY A 31 21.64 -9.17 -0.48
C GLY A 31 21.67 -9.25 -1.99
N LEU A 32 22.72 -9.87 -2.51
CA LEU A 32 22.91 -10.05 -3.95
C LEU A 32 21.82 -10.94 -4.54
N SER A 33 21.52 -10.77 -5.84
N SER A 33 21.53 -10.78 -5.84
CA SER A 33 20.63 -11.71 -6.53
CA SER A 33 20.65 -11.73 -6.53
C SER A 33 21.24 -13.08 -6.34
C SER A 33 21.24 -13.08 -6.34
N GLY A 34 20.38 -14.07 -6.19
CA GLY A 34 20.77 -15.43 -5.93
C GLY A 34 21.10 -15.79 -4.49
N SER A 35 20.85 -14.85 -3.54
CA SER A 35 21.12 -15.11 -2.13
C SER A 35 19.94 -15.68 -1.40
N GLY A 36 18.83 -15.95 -2.10
CA GLY A 36 17.65 -16.58 -1.52
C GLY A 36 16.66 -15.63 -0.88
N LYS A 37 16.77 -14.32 -1.17
CA LYS A 37 15.86 -13.35 -0.55
C LYS A 37 14.40 -13.69 -0.85
N SER A 38 14.06 -13.88 -2.13
CA SER A 38 12.67 -14.13 -2.48
C SER A 38 12.20 -15.48 -1.98
N SER A 39 13.05 -16.48 -2.08
CA SER A 39 12.71 -17.82 -1.58
C SER A 39 12.41 -17.82 -0.08
N VAL A 40 13.31 -17.20 0.68
CA VAL A 40 13.13 -17.11 2.12
C VAL A 40 11.86 -16.28 2.40
N ALA A 41 11.68 -15.14 1.73
CA ALA A 41 10.52 -14.29 2.01
C ALA A 41 9.22 -15.02 1.76
N MET A 42 9.17 -15.80 0.68
CA MET A 42 7.95 -16.54 0.35
CA MET A 42 7.95 -16.55 0.33
C MET A 42 7.64 -17.65 1.35
N LEU A 43 8.67 -18.33 1.81
CA LEU A 43 8.45 -19.39 2.82
C LEU A 43 8.05 -18.79 4.17
N VAL A 44 8.66 -17.67 4.55
CA VAL A 44 8.23 -16.96 5.77
C VAL A 44 6.77 -16.54 5.61
N GLU A 45 6.39 -16.02 4.44
CA GLU A 45 5.00 -15.65 4.26
C GLU A 45 4.08 -16.84 4.53
N ARG A 46 4.43 -17.98 3.94
CA ARG A 46 3.58 -19.17 4.06
C ARG A 46 3.51 -19.56 5.54
N LYS A 47 4.64 -19.52 6.22
CA LYS A 47 4.66 -19.96 7.62
C LYS A 47 3.85 -19.01 8.48
N LEU A 48 3.98 -17.70 8.22
CA LEU A 48 3.16 -16.72 8.93
C LEU A 48 1.62 -16.81 8.66
N LEU A 49 1.21 -17.07 7.42
CA LEU A 49 -0.19 -17.24 7.09
C LEU A 49 -0.74 -18.45 7.84
N GLU A 50 0.06 -19.53 7.94
CA GLU A 50 -0.34 -20.70 8.77
C GLU A 50 -0.55 -20.32 10.23
N LYS A 51 0.23 -19.36 10.71
CA LYS A 51 0.06 -18.81 12.07
C LYS A 51 -1.15 -17.90 12.27
N GLY A 52 -1.84 -17.54 11.18
CA GLY A 52 -2.94 -16.60 11.18
C GLY A 52 -2.53 -15.15 11.12
N ILE A 53 -1.30 -14.88 10.69
CA ILE A 53 -0.75 -13.53 10.57
C ILE A 53 -0.87 -13.12 9.11
N SER A 54 -1.38 -11.91 8.88
CA SER A 54 -1.57 -11.38 7.53
C SER A 54 -0.25 -10.89 6.94
N ALA A 55 0.56 -11.85 6.49
CA ALA A 55 1.88 -11.60 5.91
C ALA A 55 1.71 -11.25 4.43
N TYR A 56 2.63 -10.45 3.91
CA TYR A 56 2.54 -10.01 2.53
C TYR A 56 3.92 -9.79 1.94
N VAL A 57 4.25 -10.48 0.84
CA VAL A 57 5.54 -10.28 0.16
C VAL A 57 5.38 -9.10 -0.79
N LEU A 58 6.09 -8.03 -0.49
CA LEU A 58 6.06 -6.80 -1.29
C LEU A 58 7.27 -6.83 -2.19
N ASP A 59 7.04 -7.03 -3.48
CA ASP A 59 8.12 -7.13 -4.44
C ASP A 59 8.10 -5.92 -5.40
N GLY A 60 9.18 -5.17 -5.42
CA GLY A 60 9.29 -4.01 -6.25
C GLY A 60 9.08 -4.35 -7.72
N ASP A 61 9.47 -5.55 -8.14
CA ASP A 61 9.31 -5.94 -9.58
C ASP A 61 7.87 -5.97 -9.97
N ASN A 62 6.99 -6.41 -9.07
CA ASN A 62 5.56 -6.39 -9.33
C ASN A 62 5.04 -4.94 -9.40
N LEU A 63 5.49 -4.07 -8.48
CA LEU A 63 5.05 -2.65 -8.42
C LEU A 63 5.45 -1.91 -9.69
N ARG A 64 6.55 -2.30 -10.30
CA ARG A 64 6.97 -1.70 -11.55
C ARG A 64 5.97 -1.77 -12.69
N HIS A 65 5.05 -2.75 -12.66
CA HIS A 65 4.06 -2.87 -13.69
C HIS A 65 2.89 -1.89 -13.58
N GLY A 66 2.68 -1.31 -12.41
CA GLY A 66 1.48 -0.53 -12.08
C GLY A 66 1.93 0.78 -11.43
N LEU A 67 1.95 0.78 -10.10
CA LEU A 67 2.34 1.96 -9.30
C LEU A 67 3.58 2.65 -9.82
N ASN A 68 4.65 1.87 -10.00
CA ASN A 68 5.95 2.43 -10.36
C ASN A 68 6.34 2.30 -11.86
N ALA A 69 5.34 2.33 -12.72
CA ALA A 69 5.52 2.11 -14.17
C ALA A 69 6.23 3.28 -14.82
N ASP A 70 6.31 4.41 -14.12
CA ASP A 70 7.12 5.54 -14.61
C ASP A 70 8.62 5.41 -14.48
N LEU A 71 9.14 4.45 -13.71
CA LEU A 71 10.56 4.38 -13.45
C LEU A 71 11.26 3.42 -14.43
N GLY A 72 12.53 3.72 -14.70
CA GLY A 72 13.41 2.88 -15.46
C GLY A 72 14.43 2.26 -14.56
N PHE A 73 15.64 2.02 -15.11
CA PHE A 73 16.65 1.26 -14.39
C PHE A 73 17.98 2.00 -14.21
N SER A 74 17.96 3.32 -14.30
CA SER A 74 19.12 4.12 -13.93
C SER A 74 19.32 3.97 -12.42
N MET A 75 20.53 4.26 -11.92
CA MET A 75 20.77 4.25 -10.49
C MET A 75 19.80 5.18 -9.73
N ALA A 76 19.55 6.35 -10.30
CA ALA A 76 18.62 7.30 -9.68
C ALA A 76 17.21 6.69 -9.58
N ASP A 77 16.79 6.04 -10.66
CA ASP A 77 15.44 5.41 -10.70
C ASP A 77 15.37 4.22 -9.77
N ARG A 78 16.48 3.53 -9.59
CA ARG A 78 16.49 2.42 -8.63
C ARG A 78 16.39 2.91 -7.18
N ALA A 79 17.09 4.02 -6.86
CA ALA A 79 16.97 4.64 -5.56
C ALA A 79 15.54 5.09 -5.33
N GLU A 80 14.93 5.68 -6.34
CA GLU A 80 13.54 6.16 -6.22
C GLU A 80 12.57 5.00 -6.05
N ASN A 81 12.77 3.92 -6.78
CA ASN A 81 11.96 2.73 -6.63
C ASN A 81 11.97 2.20 -5.21
N LEU A 82 13.17 2.12 -4.65
CA LEU A 82 13.34 1.69 -3.25
C LEU A 82 12.73 2.66 -2.26
N ARG A 83 12.83 3.96 -2.53
CA ARG A 83 12.26 4.98 -1.64
C ARG A 83 10.76 4.78 -1.61
N ARG A 84 10.17 4.60 -2.77
CA ARG A 84 8.74 4.32 -2.88
C ARG A 84 8.37 3.01 -2.19
N LEU A 85 9.13 1.95 -2.47
CA LEU A 85 8.89 0.64 -1.84
C LEU A 85 8.82 0.76 -0.29
N SER A 86 9.71 1.55 0.32
N SER A 86 9.71 1.56 0.30
CA SER A 86 9.68 1.72 1.77
CA SER A 86 9.72 1.83 1.74
C SER A 86 8.39 2.36 2.27
C SER A 86 8.40 2.36 2.25
N HIS A 87 7.85 3.33 1.52
CA HIS A 87 6.54 3.93 1.85
C HIS A 87 5.38 2.97 1.63
N VAL A 88 5.45 2.10 0.62
CA VAL A 88 4.38 1.12 0.43
C VAL A 88 4.41 0.12 1.56
N ALA A 89 5.61 -0.23 2.02
CA ALA A 89 5.74 -1.15 3.17
C ALA A 89 5.13 -0.56 4.44
N THR A 90 5.44 0.70 4.73
CA THR A 90 4.82 1.34 5.92
C THR A 90 3.32 1.44 5.77
N LEU A 91 2.84 1.68 4.57
CA LEU A 91 1.40 1.77 4.37
C LEU A 91 0.73 0.41 4.64
N LEU A 92 1.25 -0.67 4.06
CA LEU A 92 0.74 -2.02 4.34
C LEU A 92 0.87 -2.38 5.83
N ALA A 93 1.97 -2.02 6.47
CA ALA A 93 2.13 -2.29 7.91
C ALA A 93 1.10 -1.49 8.73
N ASP A 94 0.82 -0.25 8.31
CA ASP A 94 -0.23 0.57 8.94
C ASP A 94 -1.59 -0.12 8.81
N CYS A 95 -1.79 -0.86 7.72
CA CYS A 95 -3.02 -1.60 7.45
C CYS A 95 -3.08 -2.96 8.16
N GLY A 96 -2.03 -3.31 8.92
CA GLY A 96 -2.00 -4.52 9.72
C GLY A 96 -1.11 -5.65 9.26
N HIS A 97 -0.42 -5.48 8.13
CA HIS A 97 0.29 -6.57 7.52
C HIS A 97 1.71 -6.73 8.05
N LEU A 98 2.19 -7.96 8.03
CA LEU A 98 3.60 -8.27 8.26
C LEU A 98 4.25 -8.32 6.87
N VAL A 99 4.98 -7.24 6.54
CA VAL A 99 5.45 -7.00 5.20
C VAL A 99 6.86 -7.57 5.06
N LEU A 100 7.07 -8.33 4.00
CA LEU A 100 8.34 -9.00 3.75
C LEU A 100 8.86 -8.44 2.43
N VAL A 101 10.01 -7.77 2.46
CA VAL A 101 10.51 -7.04 1.26
C VAL A 101 11.82 -7.60 0.77
N PRO A 102 11.79 -8.40 -0.31
CA PRO A 102 13.04 -8.88 -0.88
C PRO A 102 13.57 -7.86 -1.88
N ALA A 103 14.64 -7.17 -1.54
CA ALA A 103 15.14 -6.12 -2.39
C ALA A 103 16.63 -6.14 -2.35
N ILE A 104 17.28 -6.12 -3.49
CA ILE A 104 18.74 -6.19 -3.47
C ILE A 104 19.28 -5.07 -2.58
N SER A 105 18.81 -3.83 -2.83
CA SER A 105 19.20 -2.65 -2.01
C SER A 105 20.71 -2.61 -1.72
N PRO A 106 21.50 -2.47 -2.78
CA PRO A 106 22.93 -2.63 -2.62
C PRO A 106 23.68 -1.53 -1.84
N LEU A 107 23.11 -0.34 -1.71
CA LEU A 107 23.76 0.75 -1.03
C LEU A 107 23.24 0.87 0.36
N ALA A 108 24.14 1.10 1.31
CA ALA A 108 23.69 1.36 2.68
C ALA A 108 22.65 2.46 2.77
N GLU A 109 22.80 3.50 1.98
CA GLU A 109 21.88 4.59 1.99
C GLU A 109 20.47 4.12 1.58
N HIS A 110 20.37 3.10 0.74
CA HIS A 110 19.03 2.56 0.40
C HIS A 110 18.32 2.04 1.65
N ARG A 111 19.07 1.29 2.44
CA ARG A 111 18.54 0.65 3.60
C ARG A 111 18.33 1.69 4.70
N ALA A 112 19.27 2.65 4.81
CA ALA A 112 19.12 3.71 5.81
C ALA A 112 17.88 4.54 5.61
N LEU A 113 17.60 4.88 4.34
CA LEU A 113 16.39 5.64 4.02
C LEU A 113 15.15 4.83 4.35
N ALA A 114 15.15 3.56 3.98
CA ALA A 114 13.99 2.71 4.32
C ALA A 114 13.78 2.62 5.85
N ARG A 115 14.88 2.51 6.59
CA ARG A 115 14.79 2.49 8.05
C ARG A 115 14.19 3.76 8.62
N LYS A 116 14.65 4.89 8.12
CA LYS A 116 14.15 6.21 8.55
C LYS A 116 12.66 6.38 8.20
N VAL A 117 12.25 5.91 7.05
CA VAL A 117 10.84 6.01 6.67
C VAL A 117 9.98 5.21 7.66
N HIS A 118 10.48 4.03 8.06
CA HIS A 118 9.78 3.20 9.04
C HIS A 118 9.79 3.86 10.43
N ALA A 119 10.92 4.41 10.86
CA ALA A 119 10.97 5.07 12.15
C ALA A 119 9.99 6.21 12.20
N ASP A 120 9.89 6.97 11.13
CA ASP A 120 8.99 8.13 11.11
C ASP A 120 7.54 7.66 11.15
N ALA A 121 7.26 6.49 10.60
CA ALA A 121 5.90 5.97 10.59
C ALA A 121 5.54 5.23 11.87
N GLY A 122 6.49 5.06 12.77
CA GLY A 122 6.34 4.21 13.94
C GLY A 122 6.12 2.73 13.65
N ILE A 123 6.74 2.24 12.59
CA ILE A 123 6.58 0.84 12.20
C ILE A 123 7.92 0.14 12.50
N ASP A 124 7.85 -0.97 13.22
CA ASP A 124 9.04 -1.75 13.52
C ASP A 124 9.65 -2.27 12.19
N PHE A 125 10.97 -2.25 12.12
CA PHE A 125 11.75 -2.57 10.89
C PHE A 125 12.87 -3.53 11.28
N PHE A 126 12.93 -4.68 10.61
CA PHE A 126 13.95 -5.69 10.84
C PHE A 126 14.73 -5.82 9.54
N GLU A 127 16.05 -5.74 9.63
CA GLU A 127 16.89 -5.92 8.44
C GLU A 127 17.50 -7.33 8.46
N VAL A 128 17.25 -8.10 7.39
CA VAL A 128 17.82 -9.44 7.24
C VAL A 128 18.77 -9.39 6.06
N PHE A 129 20.02 -9.77 6.32
CA PHE A 129 21.07 -9.78 5.30
C PHE A 129 21.25 -11.22 4.81
N CYS A 130 20.92 -11.45 3.54
CA CYS A 130 21.14 -12.75 2.89
C CYS A 130 22.53 -12.74 2.24
N ASP A 131 23.45 -13.45 2.89
CA ASP A 131 24.85 -13.32 2.56
C ASP A 131 25.26 -14.37 1.50
N THR A 132 26.25 -14.01 0.67
CA THR A 132 26.83 -14.84 -0.39
C THR A 132 28.33 -14.99 -0.15
N PRO A 163 28.74 -3.42 -6.75
CA PRO A 163 28.94 -2.38 -5.76
C PRO A 163 28.13 -2.66 -4.47
N TYR A 164 28.02 -3.91 -4.05
CA TYR A 164 27.15 -4.27 -2.91
C TYR A 164 27.84 -3.84 -1.62
N GLN A 165 27.19 -2.99 -0.83
CA GLN A 165 27.76 -2.53 0.44
C GLN A 165 27.19 -3.41 1.53
N ARG A 166 28.05 -4.19 2.18
CA ARG A 166 27.58 -5.19 3.14
C ARG A 166 27.07 -4.50 4.40
N PRO A 167 25.89 -4.91 4.90
CA PRO A 167 25.36 -4.35 6.15
C PRO A 167 26.17 -4.69 7.37
N LYS A 168 26.52 -3.68 8.15
CA LYS A 168 27.41 -3.87 9.29
C LYS A 168 26.60 -4.43 10.49
N ASN A 169 25.33 -4.03 10.60
CA ASN A 169 24.51 -4.36 11.78
C ASN A 169 23.10 -4.87 11.46
N PRO A 170 23.00 -5.92 10.62
CA PRO A 170 21.65 -6.43 10.40
C PRO A 170 21.11 -7.06 11.63
N ASP A 171 19.78 -7.16 11.72
CA ASP A 171 19.14 -7.94 12.80
C ASP A 171 19.40 -9.43 12.73
N LEU A 172 19.62 -9.94 11.52
CA LEU A 172 19.85 -11.36 11.30
C LEU A 172 20.65 -11.52 10.03
N ARG A 173 21.67 -12.36 10.06
CA ARG A 173 22.48 -12.63 8.87
C ARG A 173 22.25 -14.07 8.46
N LEU A 174 21.75 -14.29 7.24
CA LEU A 174 21.51 -15.66 6.77
C LEU A 174 22.66 -16.07 5.88
N THR A 175 23.05 -17.36 5.96
CA THR A 175 24.17 -17.91 5.16
C THR A 175 23.72 -19.24 4.56
N PRO A 176 24.31 -19.64 3.40
CA PRO A 176 23.85 -20.77 2.58
C PRO A 176 24.10 -22.18 3.10
N ASP A 177 24.90 -22.34 4.16
CA ASP A 177 24.94 -23.64 4.84
C ASP A 177 23.54 -24.14 5.19
N ARG A 178 22.69 -23.25 5.68
CA ARG A 178 21.40 -23.65 6.24
C ARG A 178 20.32 -23.86 5.18
N SER A 179 19.37 -24.75 5.45
CA SER A 179 18.26 -25.00 4.54
C SER A 179 17.38 -23.75 4.49
N ILE A 180 16.64 -23.58 3.41
CA ILE A 180 15.71 -22.45 3.33
C ILE A 180 14.65 -22.55 4.44
N ASP A 181 14.17 -23.77 4.74
CA ASP A 181 13.25 -23.95 5.85
C ASP A 181 13.82 -23.46 7.21
N GLU A 182 15.08 -23.81 7.49
CA GLU A 182 15.77 -23.33 8.68
C GLU A 182 15.90 -21.82 8.67
N GLN A 183 16.27 -21.27 7.53
CA GLN A 183 16.44 -19.83 7.43
C GLN A 183 15.12 -19.13 7.69
N ALA A 184 14.02 -19.64 7.11
CA ALA A 184 12.71 -19.07 7.39
C ALA A 184 12.37 -19.11 8.86
N GLN A 185 12.71 -20.23 9.52
CA GLN A 185 12.41 -20.33 10.94
C GLN A 185 13.25 -19.30 11.70
N GLU A 186 14.47 -19.02 11.27
CA GLU A 186 15.28 -18.00 11.93
C GLU A 186 14.65 -16.62 11.83
N VAL A 187 14.01 -16.31 10.70
CA VAL A 187 13.29 -15.02 10.59
C VAL A 187 12.09 -15.01 11.52
N ILE A 188 11.34 -16.11 11.52
CA ILE A 188 10.22 -16.28 12.43
C ILE A 188 10.63 -16.10 13.92
N ASP A 189 11.75 -16.73 14.30
CA ASP A 189 12.30 -16.60 15.67
C ASP A 189 12.68 -15.15 15.97
N LEU A 190 13.21 -14.47 14.97
CA LEU A 190 13.54 -13.05 15.14
C LEU A 190 12.28 -12.25 15.42
N LEU A 191 11.20 -12.49 14.66
CA LEU A 191 9.96 -11.73 14.84
C LEU A 191 9.31 -12.00 16.18
N GLU A 192 9.53 -13.20 16.72
CA GLU A 192 8.83 -13.66 17.93
C GLU A 192 9.65 -13.41 19.17
N SER A 193 10.87 -12.89 19.01
CA SER A 193 11.78 -12.65 20.12
C SER A 193 11.54 -11.29 20.81
N PRO B 22 -9.85 -13.00 0.72
CA PRO B 22 -11.10 -12.44 0.17
C PRO B 22 -10.86 -10.99 -0.28
N ARG B 23 -10.87 -10.75 -1.58
CA ARG B 23 -10.51 -9.42 -2.12
C ARG B 23 -11.44 -8.32 -1.62
N GLY B 24 -10.86 -7.15 -1.34
CA GLY B 24 -11.60 -5.98 -0.97
C GLY B 24 -12.12 -5.24 -2.20
N LYS B 25 -12.60 -4.01 -1.99
CA LYS B 25 -13.17 -3.17 -3.02
C LYS B 25 -12.81 -1.74 -2.71
N THR B 26 -13.01 -0.86 -3.68
CA THR B 26 -12.75 0.57 -3.53
C THR B 26 -13.99 1.41 -3.68
N VAL B 27 -14.20 2.30 -2.70
CA VAL B 27 -15.21 3.32 -2.83
C VAL B 27 -14.54 4.66 -3.09
N TRP B 28 -14.89 5.26 -4.22
CA TRP B 28 -14.25 6.49 -4.72
C TRP B 28 -15.18 7.66 -4.62
N PHE B 29 -14.90 8.57 -3.67
CA PHE B 29 -15.77 9.72 -3.38
C PHE B 29 -15.33 10.96 -4.18
N THR B 30 -16.27 11.63 -4.81
CA THR B 30 -15.92 12.77 -5.65
C THR B 30 -16.95 13.87 -5.44
N GLY B 31 -16.49 15.11 -5.56
CA GLY B 31 -17.33 16.31 -5.37
C GLY B 31 -16.52 17.46 -4.81
N LEU B 32 -17.18 18.61 -4.65
CA LEU B 32 -16.52 19.86 -4.30
C LEU B 32 -16.14 19.96 -2.80
N GLY B 34 -15.57 20.36 0.77
CA GLY B 34 -16.67 20.82 1.63
C GLY B 34 -17.97 20.07 1.37
N SER B 35 -18.02 19.30 0.27
CA SER B 35 -19.19 18.48 -0.04
C SER B 35 -19.41 17.30 0.93
N GLY B 36 -18.53 17.17 1.95
CA GLY B 36 -18.63 16.11 2.92
C GLY B 36 -17.91 14.86 2.51
N LYS B 37 -16.99 14.92 1.55
CA LYS B 37 -16.30 13.69 1.06
C LYS B 37 -15.44 13.06 2.12
N SER B 38 -14.63 13.86 2.80
CA SER B 38 -13.68 13.28 3.73
C SER B 38 -14.43 12.85 5.02
N SER B 39 -15.50 13.55 5.38
CA SER B 39 -16.35 13.21 6.49
C SER B 39 -17.13 11.92 6.29
N VAL B 40 -17.74 11.74 5.12
N VAL B 40 -17.74 11.74 5.13
CA VAL B 40 -18.46 10.49 4.87
CA VAL B 40 -18.44 10.48 4.89
C VAL B 40 -17.46 9.34 4.80
C VAL B 40 -17.47 9.32 4.80
N ALA B 41 -16.32 9.54 4.15
CA ALA B 41 -15.27 8.51 4.09
C ALA B 41 -14.84 8.08 5.50
N MET B 42 -14.59 9.06 6.39
CA MET B 42 -14.18 8.72 7.76
C MET B 42 -15.24 8.03 8.59
N LEU B 43 -16.50 8.49 8.48
CA LEU B 43 -17.55 7.91 9.27
C LEU B 43 -17.85 6.48 8.76
N VAL B 44 -17.76 6.28 7.45
CA VAL B 44 -17.91 4.91 6.93
C VAL B 44 -16.82 4.02 7.47
N GLU B 45 -15.57 4.52 7.46
CA GLU B 45 -14.44 3.72 7.99
C GLU B 45 -14.74 3.32 9.44
N ARG B 46 -15.19 4.27 10.25
CA ARG B 46 -15.40 4.01 11.66
C ARG B 46 -16.48 2.99 11.89
N LYS B 47 -17.59 3.14 11.18
CA LYS B 47 -18.70 2.23 11.31
C LYS B 47 -18.31 0.82 10.80
N LEU B 48 -17.52 0.73 9.72
CA LEU B 48 -17.08 -0.58 9.21
C LEU B 48 -16.09 -1.24 10.18
N LEU B 49 -15.18 -0.46 10.73
CA LEU B 49 -14.22 -0.98 11.69
C LEU B 49 -14.91 -1.54 12.93
N GLU B 50 -15.95 -0.86 13.41
CA GLU B 50 -16.78 -1.38 14.51
C GLU B 50 -17.40 -2.75 14.21
N LYS B 51 -17.69 -3.02 12.94
CA LYS B 51 -18.29 -4.28 12.51
C LYS B 51 -17.26 -5.34 12.20
N GLY B 52 -15.97 -5.06 12.45
CA GLY B 52 -14.87 -5.98 12.15
C GLY B 52 -14.49 -6.02 10.68
N ILE B 53 -14.85 -4.99 9.93
CA ILE B 53 -14.47 -4.88 8.53
C ILE B 53 -13.20 -4.05 8.41
N SER B 54 -12.19 -4.56 7.71
CA SER B 54 -10.92 -3.87 7.58
C SER B 54 -10.95 -2.72 6.56
N ALA B 55 -11.52 -1.60 6.97
CA ALA B 55 -11.64 -0.46 6.08
C ALA B 55 -10.44 0.45 6.26
N TYR B 56 -10.14 1.26 5.26
CA TYR B 56 -9.00 2.15 5.30
C TYR B 56 -9.27 3.37 4.41
N VAL B 57 -9.05 4.58 4.96
CA VAL B 57 -9.22 5.80 4.22
C VAL B 57 -7.88 6.15 3.55
N LEU B 58 -7.89 6.15 2.23
CA LEU B 58 -6.66 6.40 1.45
C LEU B 58 -6.73 7.84 0.95
N ASP B 59 -5.89 8.67 1.54
CA ASP B 59 -5.87 10.12 1.35
C ASP B 59 -4.67 10.51 0.47
N GLY B 60 -4.95 10.98 -0.73
CA GLY B 60 -3.92 11.41 -1.69
C GLY B 60 -2.99 12.49 -1.14
N ASP B 61 -3.51 13.44 -0.36
CA ASP B 61 -2.64 14.49 0.18
C ASP B 61 -1.64 13.89 1.16
N ASN B 62 -2.07 12.98 2.03
CA ASN B 62 -1.13 12.26 2.86
C ASN B 62 -0.07 11.46 2.09
N LEU B 63 -0.47 10.81 1.00
CA LEU B 63 0.47 10.08 0.14
C LEU B 63 1.54 11.05 -0.42
N ARG B 64 1.15 12.30 -0.68
CA ARG B 64 2.13 13.31 -1.18
C ARG B 64 3.24 13.64 -0.22
N HIS B 65 3.05 13.39 1.07
CA HIS B 65 4.08 13.64 2.04
C HIS B 65 5.08 12.49 2.17
N GLY B 66 4.75 11.34 1.59
CA GLY B 66 5.61 10.17 1.72
C GLY B 66 5.87 9.51 0.37
N LEU B 67 5.09 8.50 0.05
CA LEU B 67 5.17 7.79 -1.21
C LEU B 67 5.36 8.70 -2.44
N ASN B 68 4.52 9.71 -2.53
CA ASN B 68 4.49 10.58 -3.70
C ASN B 68 5.18 11.92 -3.48
N ALA B 69 6.15 11.99 -2.57
CA ALA B 69 6.88 13.21 -2.26
C ALA B 69 7.76 13.68 -3.41
N ASP B 70 8.00 12.85 -4.42
CA ASP B 70 8.74 13.26 -5.60
C ASP B 70 7.95 14.18 -6.52
N LEU B 71 6.63 14.16 -6.41
CA LEU B 71 5.78 14.88 -7.33
C LEU B 71 5.58 16.34 -6.94
N GLY B 72 5.66 17.20 -7.95
CA GLY B 72 5.22 18.60 -7.82
C GLY B 72 3.71 18.74 -7.99
N PHE B 73 3.30 19.92 -8.43
CA PHE B 73 1.91 20.28 -8.50
C PHE B 73 1.48 20.77 -9.89
N SER B 74 2.25 20.42 -10.91
CA SER B 74 1.87 20.68 -12.30
C SER B 74 0.68 19.81 -12.73
N MET B 75 0.16 20.09 -13.93
CA MET B 75 -0.97 19.33 -14.48
C MET B 75 -0.61 17.85 -14.64
N ALA B 76 0.55 17.60 -15.22
CA ALA B 76 1.05 16.25 -15.41
C ALA B 76 1.23 15.56 -14.03
N ASP B 77 1.74 16.30 -13.06
CA ASP B 77 1.97 15.76 -11.69
C ASP B 77 0.69 15.36 -11.02
N ARG B 78 -0.36 16.19 -11.18
CA ARG B 78 -1.67 15.91 -10.58
C ARG B 78 -2.26 14.66 -11.20
N ALA B 79 -2.11 14.51 -12.51
CA ALA B 79 -2.52 13.28 -13.17
C ALA B 79 -1.76 12.04 -12.64
N GLU B 80 -0.45 12.18 -12.49
CA GLU B 80 0.39 11.06 -12.02
C GLU B 80 0.01 10.68 -10.60
N ASN B 81 -0.23 11.69 -9.76
CA ASN B 81 -0.64 11.48 -8.38
C ASN B 81 -1.92 10.63 -8.32
N LEU B 82 -2.88 10.96 -9.17
CA LEU B 82 -4.14 10.17 -9.26
C LEU B 82 -3.89 8.76 -9.80
N ARG B 83 -3.04 8.65 -10.79
CA ARG B 83 -2.71 7.32 -11.36
C ARG B 83 -2.12 6.43 -10.27
N ARG B 84 -1.19 6.98 -9.53
CA ARG B 84 -0.54 6.21 -8.44
C ARG B 84 -1.54 5.87 -7.32
N LEU B 85 -2.36 6.86 -6.94
CA LEU B 85 -3.38 6.64 -5.89
C LEU B 85 -4.28 5.47 -6.28
N SER B 86 -4.68 5.42 -7.54
N SER B 86 -4.68 5.42 -7.54
CA SER B 86 -5.55 4.34 -8.05
CA SER B 86 -5.53 4.34 -8.06
C SER B 86 -4.88 2.96 -7.89
C SER B 86 -4.88 2.97 -7.86
N HIS B 87 -3.58 2.88 -8.16
CA HIS B 87 -2.82 1.62 -7.93
C HIS B 87 -2.62 1.26 -6.48
N VAL B 88 -2.46 2.25 -5.62
CA VAL B 88 -2.37 1.98 -4.20
C VAL B 88 -3.72 1.44 -3.73
N ALA B 89 -4.82 2.04 -4.20
CA ALA B 89 -6.14 1.51 -3.82
C ALA B 89 -6.30 0.03 -4.22
N THR B 90 -5.91 -0.33 -5.45
CA THR B 90 -6.08 -1.68 -5.93
C THR B 90 -5.17 -2.61 -5.13
N LEU B 91 -3.99 -2.13 -4.76
CA LEU B 91 -3.09 -2.97 -3.97
C LEU B 91 -3.72 -3.30 -2.62
N LEU B 92 -4.27 -2.27 -1.98
CA LEU B 92 -4.87 -2.46 -0.67
C LEU B 92 -6.14 -3.34 -0.77
N ALA B 93 -6.92 -3.12 -1.81
CA ALA B 93 -8.12 -3.96 -2.01
C ALA B 93 -7.73 -5.39 -2.28
N ASP B 94 -6.68 -5.59 -3.06
CA ASP B 94 -6.19 -6.95 -3.29
C ASP B 94 -5.74 -7.64 -2.01
N CYS B 95 -5.24 -6.87 -1.04
CA CYS B 95 -4.83 -7.35 0.31
C CYS B 95 -6.03 -7.52 1.26
N GLY B 96 -7.27 -7.30 0.77
CA GLY B 96 -8.51 -7.54 1.53
C GLY B 96 -9.21 -6.36 2.20
N HIS B 97 -8.74 -5.14 1.93
CA HIS B 97 -9.30 -3.97 2.56
C HIS B 97 -10.45 -3.36 1.78
N LEU B 98 -11.34 -2.74 2.51
CA LEU B 98 -12.32 -1.87 1.93
C LEU B 98 -11.71 -0.46 1.89
N VAL B 99 -11.37 -0.01 0.69
CA VAL B 99 -10.57 1.21 0.54
C VAL B 99 -11.52 2.36 0.26
N LEU B 100 -11.41 3.42 1.05
CA LEU B 100 -12.30 4.58 0.95
C LEU B 100 -11.46 5.75 0.50
N VAL B 101 -11.78 6.33 -0.63
CA VAL B 101 -10.90 7.36 -1.23
C VAL B 101 -11.66 8.67 -1.36
N PRO B 102 -11.40 9.62 -0.45
CA PRO B 102 -11.91 10.96 -0.59
C PRO B 102 -11.04 11.64 -1.62
N ALA B 103 -11.44 11.57 -2.88
CA ALA B 103 -10.59 11.94 -3.97
C ALA B 103 -10.75 13.38 -4.33
N ILE B 104 -9.71 13.93 -4.94
CA ILE B 104 -9.78 15.24 -5.56
C ILE B 104 -9.65 14.86 -7.01
N SER B 105 -10.77 14.57 -7.65
CA SER B 105 -10.82 14.09 -9.02
C SER B 105 -11.97 14.80 -9.75
N PRO B 106 -11.82 16.13 -9.94
CA PRO B 106 -12.85 16.97 -10.54
C PRO B 106 -13.26 16.56 -11.96
N LEU B 107 -12.30 16.03 -12.71
CA LEU B 107 -12.51 15.68 -14.12
C LEU B 107 -12.96 14.25 -14.33
N ALA B 108 -13.82 14.05 -15.33
CA ALA B 108 -14.33 12.74 -15.62
C ALA B 108 -13.21 11.81 -16.01
N GLU B 109 -12.29 12.29 -16.83
CA GLU B 109 -11.22 11.40 -17.30
C GLU B 109 -10.38 10.81 -16.16
N HIS B 110 -10.18 11.59 -15.10
CA HIS B 110 -9.56 11.13 -13.85
C HIS B 110 -10.25 9.90 -13.28
N ARG B 111 -11.56 10.02 -13.10
CA ARG B 111 -12.38 8.95 -12.55
C ARG B 111 -12.34 7.73 -13.44
N ALA B 112 -12.36 7.98 -14.75
CA ALA B 112 -12.29 6.89 -15.73
C ALA B 112 -10.97 6.11 -15.63
N LEU B 113 -9.86 6.82 -15.48
CA LEU B 113 -8.57 6.17 -15.31
C LEU B 113 -8.55 5.32 -14.04
N ALA B 114 -9.02 5.88 -12.93
CA ALA B 114 -9.09 5.11 -11.68
C ALA B 114 -9.96 3.83 -11.81
N ARG B 115 -11.09 3.99 -12.47
CA ARG B 115 -11.97 2.88 -12.76
C ARG B 115 -11.27 1.79 -13.58
N LYS B 116 -10.61 2.20 -14.65
CA LYS B 116 -9.89 1.26 -15.53
C LYS B 116 -8.81 0.50 -14.77
N VAL B 117 -8.05 1.23 -13.93
CA VAL B 117 -7.03 0.55 -13.08
C VAL B 117 -7.66 -0.56 -12.24
N HIS B 118 -8.79 -0.25 -11.60
CA HIS B 118 -9.49 -1.28 -10.83
C HIS B 118 -10.02 -2.46 -11.66
N ALA B 119 -10.61 -2.16 -12.81
CA ALA B 119 -11.12 -3.20 -13.72
C ALA B 119 -9.99 -4.13 -14.18
N ASP B 120 -8.86 -3.52 -14.58
CA ASP B 120 -7.66 -4.27 -15.01
C ASP B 120 -7.15 -5.20 -13.93
N ALA B 121 -7.29 -4.79 -12.66
CA ALA B 121 -6.91 -5.58 -11.49
C ALA B 121 -8.02 -6.50 -11.01
N GLY B 122 -9.22 -6.37 -11.56
CA GLY B 122 -10.35 -7.24 -11.16
C GLY B 122 -10.89 -6.91 -9.78
N ILE B 123 -10.77 -5.63 -9.41
CA ILE B 123 -11.27 -5.15 -8.14
C ILE B 123 -12.54 -4.34 -8.37
N ASP B 124 -13.61 -4.63 -7.62
CA ASP B 124 -14.85 -3.83 -7.73
C ASP B 124 -14.66 -2.37 -7.26
N PHE B 125 -15.25 -1.48 -8.02
CA PHE B 125 -15.07 -0.03 -7.89
C PHE B 125 -16.43 0.61 -7.83
N PHE B 126 -16.64 1.37 -6.78
CA PHE B 126 -17.86 2.12 -6.60
C PHE B 126 -17.59 3.61 -6.60
N GLU B 127 -18.30 4.32 -7.47
CA GLU B 127 -18.20 5.77 -7.53
C GLU B 127 -19.35 6.44 -6.77
N VAL B 128 -18.99 7.22 -5.76
CA VAL B 128 -19.93 7.93 -4.94
C VAL B 128 -19.79 9.43 -5.15
N PHE B 129 -20.88 10.05 -5.59
CA PHE B 129 -20.95 11.50 -5.90
C PHE B 129 -21.56 12.23 -4.72
N CYS B 130 -20.74 13.03 -4.07
CA CYS B 130 -21.15 13.92 -2.99
C CYS B 130 -21.53 15.26 -3.60
N ASP B 131 -22.85 15.41 -3.79
CA ASP B 131 -23.41 16.55 -4.48
C ASP B 131 -23.48 17.70 -3.49
N THR B 132 -23.76 18.89 -3.97
CA THR B 132 -23.41 20.08 -3.25
C THR B 132 -24.47 21.17 -3.45
N TYR B 164 -15.49 21.55 -12.36
CA TYR B 164 -15.89 20.21 -11.91
C TYR B 164 -16.90 19.59 -12.88
N GLN B 165 -16.62 18.37 -13.32
CA GLN B 165 -17.50 17.63 -14.21
C GLN B 165 -18.33 16.62 -13.43
N ARG B 166 -19.65 16.87 -13.43
CA ARG B 166 -20.58 16.09 -12.63
C ARG B 166 -20.66 14.66 -13.11
N PRO B 167 -20.51 13.69 -12.19
CA PRO B 167 -20.65 12.29 -12.59
C PRO B 167 -21.99 12.03 -13.24
N LYS B 168 -21.97 11.34 -14.36
CA LYS B 168 -23.19 11.04 -15.06
C LYS B 168 -23.80 9.74 -14.60
N ASN B 169 -22.97 8.80 -14.14
CA ASN B 169 -23.47 7.47 -13.81
C ASN B 169 -22.86 6.85 -12.54
N PRO B 170 -22.96 7.56 -11.40
CA PRO B 170 -22.34 7.06 -10.17
C PRO B 170 -23.14 5.91 -9.58
N ASP B 171 -22.51 5.08 -8.75
CA ASP B 171 -23.25 4.06 -7.99
C ASP B 171 -24.22 4.68 -6.99
N LEU B 172 -23.85 5.83 -6.47
CA LEU B 172 -24.65 6.46 -5.45
C LEU B 172 -24.44 7.96 -5.54
N ARG B 173 -25.52 8.70 -5.35
CA ARG B 173 -25.46 10.15 -5.21
C ARG B 173 -25.88 10.50 -3.81
N LEU B 174 -24.98 11.19 -3.14
CA LEU B 174 -25.23 11.63 -1.80
C LEU B 174 -25.66 13.09 -1.87
N THR B 175 -26.85 13.31 -1.31
CA THR B 175 -27.51 14.60 -1.34
C THR B 175 -27.20 15.35 -0.05
N PRO B 176 -27.01 16.67 -0.14
CA PRO B 176 -26.71 17.51 1.03
C PRO B 176 -27.85 17.74 2.05
N ASP B 177 -29.07 17.33 1.73
CA ASP B 177 -30.15 17.38 2.72
C ASP B 177 -30.04 16.24 3.73
N ARG B 178 -29.16 15.28 3.47
CA ARG B 178 -29.08 14.06 4.27
C ARG B 178 -28.11 14.18 5.41
N SER B 179 -28.56 13.81 6.62
CA SER B 179 -27.72 13.87 7.80
C SER B 179 -26.62 12.89 7.54
N ILE B 180 -25.40 13.26 7.94
CA ILE B 180 -24.20 12.50 7.58
C ILE B 180 -24.18 11.04 8.14
N ASP B 181 -24.97 10.75 9.21
CA ASP B 181 -25.28 9.36 9.61
C ASP B 181 -26.03 8.60 8.51
N GLU B 182 -27.03 9.25 7.93
CA GLU B 182 -27.81 8.67 6.87
C GLU B 182 -26.93 8.46 5.59
N GLN B 183 -26.08 9.41 5.25
CA GLN B 183 -25.19 9.26 4.07
C GLN B 183 -24.23 8.08 4.17
N ALA B 184 -23.54 8.02 5.31
CA ALA B 184 -22.65 6.90 5.57
C ALA B 184 -23.45 5.61 5.56
N GLN B 185 -24.64 5.57 6.12
CA GLN B 185 -25.41 4.34 6.14
C GLN B 185 -25.78 3.95 4.72
N GLU B 186 -26.04 4.93 3.86
CA GLU B 186 -26.34 4.59 2.47
C GLU B 186 -25.14 3.94 1.78
N VAL B 187 -23.94 4.43 2.07
CA VAL B 187 -22.72 3.81 1.51
C VAL B 187 -22.57 2.38 2.03
N ILE B 188 -22.82 2.19 3.32
CA ILE B 188 -22.62 0.88 3.95
C ILE B 188 -23.66 -0.12 3.37
N ASP B 189 -24.89 0.34 3.25
CA ASP B 189 -25.93 -0.45 2.63
C ASP B 189 -25.55 -0.90 1.19
N LEU B 190 -24.98 -0.02 0.40
CA LEU B 190 -24.45 -0.41 -0.93
C LEU B 190 -23.43 -1.51 -0.77
N LEU B 191 -22.46 -1.31 0.12
CA LEU B 191 -21.41 -2.31 0.34
C LEU B 191 -21.92 -3.65 0.89
N GLU B 192 -23.04 -3.63 1.60
CA GLU B 192 -23.58 -4.81 2.22
C GLU B 192 -24.74 -5.39 1.40
N SER B 193 -24.86 -5.02 0.11
CA SER B 193 -25.98 -5.53 -0.69
C SER B 193 -25.51 -6.37 -1.90
#